data_5X1R
#
_entry.id   5X1R
#
_cell.length_a   59.100
_cell.length_b   65.500
_cell.length_c   78.300
_cell.angle_alpha   90.00
_cell.angle_beta   90.00
_cell.angle_gamma   90.00
#
_symmetry.space_group_name_H-M   'P 2 21 21'
#
loop_
_entity.id
_entity.type
_entity.pdbx_description
1 polymer PpkA-294
2 water water
#
_entity_poly.entity_id   1
_entity_poly.type   'polypeptide(L)'
_entity_poly.pdbx_seq_one_letter_code
;MSGTGITKPNSNSLPSGYRFNEFEIQEAIGEGGFGIVYRAYDHQLERTIAIKEYMPTSLAKRNDDLSIGLRGERFGKTFQ
AGLNSFIQEARLLARFSHPGLLHVLRFWEENGTAYMGTQFYSGTTLKNLQAQQPEKIDEAWIRRLLPPLFSAINTIHQEG
YLHRDISLDNIQIQESQLPVLLDFGSARKEIGNLSDETEIVLKPGFAPIEQYTENSDGEQGPWTDIYALGAVLHTLIVGS
PPPVSVVRSIEDSYQPLTERRPAGYSPELLRTVDRALALKPEDRPQTIDEMAELLEHHHHHH
;
_entity_poly.pdbx_strand_id   A
#
# COMPACT_ATOMS: atom_id res chain seq x y z
N SER A 11 -19.63 6.71 9.69
CA SER A 11 -18.40 7.43 9.31
C SER A 11 -17.98 8.39 10.40
N ASN A 12 -16.66 8.52 10.62
CA ASN A 12 -16.09 9.48 11.54
C ASN A 12 -15.49 10.69 10.84
N SER A 13 -15.93 11.00 9.63
CA SER A 13 -15.16 11.88 8.77
C SER A 13 -15.60 13.34 8.88
N LEU A 14 -14.63 14.23 8.63
CA LEU A 14 -14.91 15.65 8.52
C LEU A 14 -15.92 15.93 7.41
N PRO A 15 -16.80 16.92 7.59
CA PRO A 15 -17.81 17.22 6.57
C PRO A 15 -17.27 18.03 5.39
N SER A 16 -17.93 17.85 4.26
CA SER A 16 -17.69 18.73 3.12
C SER A 16 -17.88 20.19 3.52
N GLY A 17 -16.91 21.03 3.17
CA GLY A 17 -16.91 22.42 3.58
C GLY A 17 -16.01 22.73 4.77
N TYR A 18 -15.58 21.72 5.50
CA TYR A 18 -14.63 21.92 6.58
C TYR A 18 -13.35 22.56 6.06
N ARG A 19 -12.77 23.49 6.82
CA ARG A 19 -11.62 24.24 6.38
C ARG A 19 -10.39 24.01 7.24
N PHE A 20 -9.23 23.90 6.59
CA PHE A 20 -7.91 24.00 7.20
C PHE A 20 -7.24 25.21 6.54
N ASN A 21 -7.53 26.42 7.06
CA ASN A 21 -7.13 27.65 6.39
C ASN A 21 -7.54 27.63 4.92
N GLU A 22 -6.55 27.63 4.01
CA GLU A 22 -6.82 27.67 2.58
C GLU A 22 -7.37 26.35 2.04
N PHE A 23 -7.23 25.25 2.77
CA PHE A 23 -7.73 23.96 2.30
C PHE A 23 -9.20 23.79 2.66
N GLU A 24 -9.97 23.19 1.75
CA GLU A 24 -11.37 22.89 2.03
C GLU A 24 -11.62 21.42 1.74
N ILE A 25 -12.23 20.72 2.71
CA ILE A 25 -12.61 19.33 2.52
C ILE A 25 -13.77 19.26 1.52
N GLN A 26 -13.63 18.38 0.52
CA GLN A 26 -14.73 18.19 -0.43
C GLN A 26 -15.49 16.89 -0.22
N GLU A 27 -14.78 15.77 -0.01
CA GLU A 27 -15.44 14.49 0.20
C GLU A 27 -14.49 13.54 0.91
N ALA A 28 -15.02 12.75 1.85
CA ALA A 28 -14.26 11.62 2.36
C ALA A 28 -14.33 10.50 1.32
N ILE A 29 -13.19 10.12 0.77
CA ILE A 29 -13.17 9.15 -0.32
C ILE A 29 -12.60 7.81 0.10
N GLY A 30 -11.94 7.73 1.25
CA GLY A 30 -11.46 6.45 1.73
C GLY A 30 -11.48 6.47 3.23
N GLU A 31 -12.02 5.43 3.85
CA GLU A 31 -12.10 5.39 5.30
C GLU A 31 -11.76 3.98 5.73
N GLY A 32 -10.62 3.83 6.41
CA GLY A 32 -10.25 2.55 6.94
C GLY A 32 -10.17 2.60 8.45
N GLY A 33 -9.66 1.54 9.06
CA GLY A 33 -9.53 1.53 10.48
C GLY A 33 -8.44 2.42 11.02
N PHE A 34 -7.59 3.01 10.16
CA PHE A 34 -6.41 3.72 10.64
C PHE A 34 -6.26 5.12 10.08
N GLY A 35 -7.01 5.47 9.05
CA GLY A 35 -7.00 6.84 8.59
C GLY A 35 -8.17 7.07 7.66
N ILE A 36 -8.42 8.35 7.40
CA ILE A 36 -9.43 8.77 6.43
C ILE A 36 -8.74 9.56 5.35
N VAL A 37 -9.11 9.31 4.10
CA VAL A 37 -8.58 10.09 2.98
C VAL A 37 -9.69 10.96 2.41
N TYR A 38 -9.38 12.24 2.20
CA TYR A 38 -10.33 13.21 1.67
C TYR A 38 -9.86 13.76 0.34
N ARG A 39 -10.79 13.97 -0.59
CA ARG A 39 -10.57 14.93 -1.66
C ARG A 39 -10.77 16.32 -1.06
N ALA A 40 -9.81 17.22 -1.31
CA ALA A 40 -9.83 18.56 -0.75
C ALA A 40 -9.37 19.53 -1.83
N TYR A 41 -9.45 20.81 -1.51
CA TYR A 41 -9.14 21.85 -2.49
C TYR A 41 -8.31 22.93 -1.82
N ASP A 42 -7.22 23.31 -2.47
CA ASP A 42 -6.35 24.40 -2.03
C ASP A 42 -6.84 25.68 -2.71
N HIS A 43 -7.44 26.59 -1.93
CA HIS A 43 -7.95 27.83 -2.50
C HIS A 43 -6.84 28.80 -2.86
N GLN A 44 -5.66 28.66 -2.26
CA GLN A 44 -4.56 29.56 -2.61
C GLN A 44 -4.00 29.19 -3.97
N LEU A 45 -3.70 27.92 -4.18
CA LEU A 45 -3.14 27.47 -5.45
C LEU A 45 -4.20 27.02 -6.44
N GLU A 46 -5.47 27.02 -6.04
CA GLU A 46 -6.59 26.59 -6.89
C GLU A 46 -6.35 25.22 -7.48
N ARG A 47 -6.05 24.25 -6.61
CA ARG A 47 -5.88 22.91 -7.11
C ARG A 47 -6.47 21.89 -6.13
N THR A 48 -6.93 20.80 -6.72
CA THR A 48 -7.43 19.68 -5.95
C THR A 48 -6.25 18.90 -5.39
N ILE A 49 -6.35 18.51 -4.12
CA ILE A 49 -5.36 17.69 -3.45
C ILE A 49 -6.09 16.57 -2.70
N ALA A 50 -5.32 15.66 -2.12
CA ALA A 50 -5.85 14.75 -1.12
C ALA A 50 -5.31 15.11 0.25
N ILE A 51 -6.10 14.81 1.26
CA ILE A 51 -5.68 14.98 2.61
C ILE A 51 -5.90 13.66 3.36
N LYS A 52 -4.84 13.16 3.97
CA LYS A 52 -4.91 11.95 4.75
C LYS A 52 -4.86 12.29 6.25
N GLU A 53 -5.87 11.84 6.97
CA GLU A 53 -6.01 12.10 8.39
C GLU A 53 -5.75 10.84 9.21
N TYR A 54 -4.78 10.90 10.11
CA TYR A 54 -4.56 9.78 11.02
C TYR A 54 -5.80 9.62 11.90
N MET A 55 -6.35 8.42 11.94
CA MET A 55 -7.54 8.20 12.72
C MET A 55 -7.74 6.71 13.04
N PRO A 56 -7.01 6.23 14.02
CA PRO A 56 -7.13 4.82 14.40
C PRO A 56 -8.41 4.57 15.19
N THR A 57 -9.41 3.96 14.56
CA THR A 57 -10.74 3.86 15.17
C THR A 57 -10.75 2.99 16.42
N SER A 58 -9.81 2.05 16.54
CA SER A 58 -9.78 1.24 17.75
C SER A 58 -9.26 2.01 18.95
N LEU A 59 -8.59 3.16 18.72
CA LEU A 59 -7.96 3.92 19.78
C LEU A 59 -8.65 5.25 20.04
N ALA A 60 -9.41 5.77 19.08
CA ALA A 60 -9.80 7.18 19.10
C ALA A 60 -11.18 7.36 18.49
N LYS A 61 -11.85 8.46 18.86
CA LYS A 61 -13.18 8.80 18.37
C LYS A 61 -13.22 10.28 18.01
N ARG A 62 -14.25 10.65 17.26
CA ARG A 62 -14.46 12.04 16.83
C ARG A 62 -15.24 12.81 17.90
N ASN A 63 -14.67 13.92 18.37
CA ASN A 63 -15.32 14.80 19.33
C ASN A 63 -16.36 15.69 18.65
N ASP A 64 -17.15 16.38 19.47
CA ASP A 64 -18.18 17.26 18.95
C ASP A 64 -17.60 18.39 18.10
N ASP A 65 -16.46 18.95 18.54
CA ASP A 65 -15.82 20.02 17.76
C ASP A 65 -14.96 19.49 16.64
N LEU A 66 -15.03 18.18 16.37
CA LEU A 66 -14.41 17.44 15.26
C LEU A 66 -12.92 17.18 15.49
N SER A 67 -12.40 17.54 16.65
CA SER A 67 -11.10 17.00 17.04
C SER A 67 -11.24 15.51 17.32
N ILE A 68 -10.08 14.86 17.52
CA ILE A 68 -9.96 13.44 17.80
C ILE A 68 -9.59 13.27 19.27
N GLY A 69 -10.24 12.32 19.96
CA GLY A 69 -9.92 12.04 21.34
C GLY A 69 -9.81 10.55 21.59
N LEU A 70 -9.04 10.19 22.63
CA LEU A 70 -8.84 8.79 22.95
C LEU A 70 -10.15 8.12 23.39
N ARG A 71 -10.35 6.88 22.95
CA ARG A 71 -11.50 6.09 23.41
C ARG A 71 -11.31 5.63 24.85
N GLY A 72 -10.07 5.50 25.28
CA GLY A 72 -9.76 5.21 26.67
C GLY A 72 -8.35 5.69 26.96
N GLU A 73 -8.11 6.12 28.19
CA GLU A 73 -6.80 6.67 28.52
C GLU A 73 -5.70 5.62 28.36
N ARG A 74 -6.02 4.32 28.45
CA ARG A 74 -5.01 3.30 28.28
C ARG A 74 -4.44 3.28 26.87
N PHE A 75 -5.09 3.92 25.92
CA PHE A 75 -4.67 3.87 24.51
C PHE A 75 -3.69 4.97 24.13
N GLY A 76 -3.31 5.85 25.06
CA GLY A 76 -2.53 7.03 24.71
C GLY A 76 -1.15 6.71 24.15
N LYS A 77 -0.43 5.78 24.79
CA LYS A 77 0.91 5.44 24.32
C LYS A 77 0.87 4.87 22.91
N THR A 78 -0.07 3.97 22.65
CA THR A 78 -0.12 3.35 21.33
C THR A 78 -0.64 4.34 20.28
N PHE A 79 -1.58 5.20 20.67
CA PHE A 79 -2.03 6.25 19.74
C PHE A 79 -0.86 7.15 19.34
N GLN A 80 -0.05 7.56 20.31
CA GLN A 80 1.09 8.43 20.01
C GLN A 80 2.12 7.71 19.15
N ALA A 81 2.35 6.42 19.41
CA ALA A 81 3.34 5.71 18.60
C ALA A 81 2.88 5.58 17.16
N GLY A 82 1.59 5.29 16.96
CA GLY A 82 1.04 5.30 15.61
C GLY A 82 1.15 6.65 14.95
N LEU A 83 0.89 7.73 15.69
CA LEU A 83 1.08 9.07 15.15
C LEU A 83 2.52 9.31 14.75
N ASN A 84 3.47 8.91 15.58
CA ASN A 84 4.88 9.09 15.23
C ASN A 84 5.24 8.31 13.97
N SER A 85 4.68 7.11 13.81
CA SER A 85 4.96 6.33 12.61
C SER A 85 4.33 6.95 11.38
N PHE A 86 3.15 7.57 11.54
CA PHE A 86 2.51 8.31 10.46
C PHE A 86 3.41 9.45 9.99
N ILE A 87 4.00 10.18 10.94
CA ILE A 87 4.93 11.25 10.62
C ILE A 87 6.14 10.70 9.89
N GLN A 88 6.71 9.60 10.41
CA GLN A 88 7.89 9.04 9.77
C GLN A 88 7.58 8.56 8.36
N GLU A 89 6.38 8.01 8.11
CA GLU A 89 6.07 7.59 6.75
C GLU A 89 5.94 8.79 5.82
N ALA A 90 5.33 9.88 6.29
CA ALA A 90 5.26 11.10 5.49
C ALA A 90 6.66 11.60 5.14
N ARG A 91 7.58 11.54 6.10
CA ARG A 91 8.96 11.97 5.85
C ARG A 91 9.63 11.07 4.82
N LEU A 92 9.37 9.76 4.89
CA LEU A 92 9.92 8.86 3.89
C LEU A 92 9.38 9.17 2.50
N LEU A 93 8.06 9.33 2.38
CA LEU A 93 7.49 9.66 1.07
C LEU A 93 7.99 11.01 0.59
N ALA A 94 8.30 11.93 1.51
CA ALA A 94 8.78 13.23 1.12
C ALA A 94 10.19 13.22 0.53
N ARG A 95 10.91 12.09 0.62
CA ARG A 95 12.22 11.96 0.01
C ARG A 95 12.17 11.85 -1.50
N PHE A 96 11.00 11.55 -2.07
CA PHE A 96 10.91 11.18 -3.48
C PHE A 96 10.10 12.19 -4.28
N SER A 97 10.40 12.26 -5.58
CA SER A 97 9.61 13.02 -6.54
C SER A 97 9.53 12.14 -7.77
N HIS A 98 8.58 11.21 -7.77
CA HIS A 98 8.49 10.14 -8.74
C HIS A 98 7.01 9.94 -9.08
N PRO A 99 6.67 9.76 -10.36
CA PRO A 99 5.23 9.70 -10.72
C PRO A 99 4.50 8.50 -10.14
N GLY A 100 5.22 7.46 -9.72
CA GLY A 100 4.64 6.25 -9.20
C GLY A 100 4.66 6.16 -7.69
N LEU A 101 5.06 7.22 -7.01
CA LEU A 101 5.08 7.27 -5.55
C LEU A 101 4.27 8.46 -5.09
N LEU A 102 3.40 8.24 -4.10
CA LEU A 102 2.52 9.28 -3.59
C LEU A 102 3.33 10.53 -3.25
N HIS A 103 2.96 11.67 -3.84
CA HIS A 103 3.76 12.88 -3.63
C HIS A 103 3.18 13.70 -2.50
N VAL A 104 4.01 14.01 -1.51
CA VAL A 104 3.58 14.73 -0.31
C VAL A 104 3.81 16.22 -0.51
N LEU A 105 2.77 17.01 -0.22
CA LEU A 105 2.84 18.46 -0.35
C LEU A 105 3.05 19.17 0.99
N ARG A 106 2.35 18.70 2.03
CA ARG A 106 2.29 19.36 3.33
C ARG A 106 2.10 18.32 4.42
N PHE A 107 2.58 18.65 5.61
CA PHE A 107 2.23 17.89 6.79
C PHE A 107 1.95 18.85 7.92
N TRP A 108 0.93 18.54 8.74
CA TRP A 108 0.69 19.38 9.91
C TRP A 108 -0.09 18.61 10.96
N GLU A 109 -0.01 19.10 12.20
CA GLU A 109 -0.75 18.53 13.33
C GLU A 109 -1.84 19.52 13.73
N GLU A 110 -3.03 18.97 14.00
CA GLU A 110 -4.22 19.74 14.35
C GLU A 110 -5.26 18.75 14.82
N ASN A 111 -6.26 19.23 15.57
CA ASN A 111 -7.40 18.39 15.97
C ASN A 111 -6.99 17.17 16.79
N GLY A 112 -5.84 17.21 17.46
CA GLY A 112 -5.38 16.08 18.22
C GLY A 112 -4.84 14.96 17.38
N THR A 113 -4.56 15.23 16.11
CA THR A 113 -4.06 14.19 15.22
C THR A 113 -3.12 14.86 14.21
N ALA A 114 -2.92 14.21 13.06
CA ALA A 114 -1.99 14.72 12.07
C ALA A 114 -2.57 14.51 10.68
N TYR A 115 -2.12 15.35 9.74
CA TYR A 115 -2.64 15.42 8.39
C TYR A 115 -1.51 15.47 7.39
N MET A 116 -1.67 14.72 6.29
CA MET A 116 -0.77 14.76 5.15
C MET A 116 -1.55 15.31 3.97
N GLY A 117 -1.10 16.43 3.42
CA GLY A 117 -1.61 16.91 2.15
C GLY A 117 -0.76 16.31 1.04
N THR A 118 -1.42 15.71 0.05
CA THR A 118 -0.72 15.01 -1.03
C THR A 118 -1.33 15.37 -2.38
N GLN A 119 -0.60 14.99 -3.44
CA GLN A 119 -1.16 15.04 -4.76
C GLN A 119 -2.43 14.18 -4.80
N PHE A 120 -3.41 14.63 -5.58
CA PHE A 120 -4.65 13.89 -5.77
C PHE A 120 -4.52 12.99 -6.99
N TYR A 121 -4.84 11.71 -6.83
CA TYR A 121 -4.74 10.77 -7.95
C TYR A 121 -6.12 10.29 -8.38
N SER A 122 -6.32 10.26 -9.70
CA SER A 122 -7.54 9.72 -10.27
C SER A 122 -7.57 8.20 -10.12
N GLY A 123 -8.68 7.61 -10.55
CA GLY A 123 -8.78 6.16 -10.59
C GLY A 123 -9.18 5.55 -9.25
N THR A 124 -8.80 4.29 -9.08
CA THR A 124 -9.18 3.51 -7.91
C THR A 124 -8.05 2.57 -7.59
N THR A 125 -8.19 1.85 -6.47
CA THR A 125 -7.15 0.90 -6.09
C THR A 125 -7.17 -0.32 -6.99
N LEU A 126 -6.03 -0.99 -7.06
CA LEU A 126 -5.95 -2.22 -7.83
C LEU A 126 -6.91 -3.27 -7.26
N LYS A 127 -7.06 -3.29 -5.94
CA LYS A 127 -7.99 -4.21 -5.30
C LYS A 127 -9.42 -3.99 -5.80
N ASN A 128 -9.83 -2.72 -5.90
CA ASN A 128 -11.17 -2.42 -6.39
C ASN A 128 -11.30 -2.68 -7.89
N LEU A 129 -10.26 -2.37 -8.66
CA LEU A 129 -10.32 -2.62 -10.09
C LEU A 129 -10.48 -4.11 -10.35
N GLN A 130 -9.73 -4.93 -9.63
CA GLN A 130 -9.82 -6.38 -9.78
C GLN A 130 -11.20 -6.90 -9.39
N ALA A 131 -11.85 -6.27 -8.41
CA ALA A 131 -13.17 -6.73 -7.99
C ALA A 131 -14.25 -6.31 -8.98
N GLN A 132 -14.15 -5.09 -9.51
CA GLN A 132 -15.20 -4.50 -10.34
C GLN A 132 -15.04 -4.77 -11.82
N GLN A 133 -13.81 -4.77 -12.32
CA GLN A 133 -13.54 -4.94 -13.75
C GLN A 133 -12.46 -5.98 -13.96
N PRO A 134 -12.65 -7.21 -13.46
CA PRO A 134 -11.62 -8.23 -13.66
C PRO A 134 -11.38 -8.55 -15.13
N GLU A 135 -12.34 -8.24 -16.00
CA GLU A 135 -12.20 -8.52 -17.43
C GLU A 135 -11.19 -7.61 -18.11
N LYS A 136 -10.82 -6.50 -17.48
CA LYS A 136 -9.80 -5.61 -18.02
C LYS A 136 -8.40 -6.13 -17.74
N ILE A 137 -8.24 -7.03 -16.77
CA ILE A 137 -6.93 -7.50 -16.35
C ILE A 137 -6.58 -8.71 -17.20
N ASP A 138 -5.67 -8.53 -18.15
CA ASP A 138 -5.13 -9.65 -18.93
C ASP A 138 -3.62 -9.45 -19.05
N GLU A 139 -2.96 -10.34 -19.80
CA GLU A 139 -1.50 -10.30 -19.83
C GLU A 139 -0.98 -8.97 -20.41
N ALA A 140 -1.62 -8.48 -21.47
CA ALA A 140 -1.12 -7.24 -22.08
C ALA A 140 -1.25 -6.08 -21.11
N TRP A 141 -2.35 -6.02 -20.38
CA TRP A 141 -2.53 -4.99 -19.35
C TRP A 141 -1.49 -5.12 -18.24
N ILE A 142 -1.22 -6.34 -17.79
CA ILE A 142 -0.21 -6.54 -16.75
C ILE A 142 1.16 -6.12 -17.26
N ARG A 143 1.47 -6.42 -18.52
CA ARG A 143 2.79 -6.06 -19.03
C ARG A 143 2.93 -4.55 -19.23
N ARG A 144 1.82 -3.84 -19.37
CA ARG A 144 1.87 -2.38 -19.36
C ARG A 144 1.97 -1.82 -17.95
N LEU A 145 1.40 -2.54 -16.97
CA LEU A 145 1.47 -2.10 -15.58
C LEU A 145 2.89 -2.20 -15.02
N LEU A 146 3.65 -3.21 -15.43
CA LEU A 146 4.86 -3.54 -14.69
C LEU A 146 5.99 -2.52 -14.85
N PRO A 147 6.27 -1.96 -16.02
CA PRO A 147 7.41 -1.02 -16.09
C PRO A 147 7.28 0.13 -15.11
N PRO A 148 6.14 0.85 -15.07
CA PRO A 148 6.06 1.93 -14.06
C PRO A 148 5.98 1.42 -12.64
N LEU A 149 5.41 0.24 -12.40
CA LEU A 149 5.37 -0.29 -11.04
C LEU A 149 6.75 -0.71 -10.58
N PHE A 150 7.49 -1.42 -11.43
CA PHE A 150 8.90 -1.72 -11.20
C PHE A 150 9.68 -0.46 -10.89
N SER A 151 9.46 0.61 -11.69
CA SER A 151 10.24 1.83 -11.51
C SER A 151 10.00 2.43 -10.14
N ALA A 152 8.74 2.45 -9.70
CA ALA A 152 8.42 3.03 -8.40
C ALA A 152 9.06 2.24 -7.27
N ILE A 153 8.95 0.91 -7.32
CA ILE A 153 9.52 0.09 -6.24
C ILE A 153 11.03 0.22 -6.24
N ASN A 154 11.65 0.17 -7.42
CA ASN A 154 13.10 0.27 -7.51
C ASN A 154 13.60 1.59 -6.96
N THR A 155 12.85 2.68 -7.16
CA THR A 155 13.26 3.97 -6.64
C THR A 155 13.35 3.96 -5.12
N ILE A 156 12.42 3.29 -4.45
CA ILE A 156 12.51 3.10 -3.00
C ILE A 156 13.79 2.35 -2.66
N HIS A 157 14.03 1.23 -3.36
CA HIS A 157 15.18 0.39 -3.07
C HIS A 157 16.49 1.13 -3.29
N GLN A 158 16.56 1.95 -4.33
CA GLN A 158 17.84 2.58 -4.66
C GLN A 158 18.24 3.61 -3.60
N GLU A 159 17.30 4.14 -2.85
CA GLU A 159 17.61 5.05 -1.76
C GLU A 159 17.86 4.32 -0.44
N GLY A 160 17.86 3.00 -0.45
CA GLY A 160 18.17 2.22 0.72
C GLY A 160 16.99 1.81 1.57
N TYR A 161 15.78 1.91 1.06
CA TYR A 161 14.58 1.59 1.82
C TYR A 161 13.87 0.38 1.23
N LEU A 162 12.93 -0.13 1.98
CA LEU A 162 12.05 -1.20 1.52
C LEU A 162 10.60 -0.75 1.77
N HIS A 163 9.66 -1.30 1.00
CA HIS A 163 8.26 -0.99 1.12
C HIS A 163 7.61 -1.77 2.29
N ARG A 164 7.71 -3.08 2.20
CA ARG A 164 7.27 -4.07 3.18
C ARG A 164 5.76 -4.26 3.42
N ASP A 165 4.94 -3.62 2.62
CA ASP A 165 3.51 -3.71 2.76
C ASP A 165 2.76 -3.78 1.42
N ILE A 166 3.40 -4.27 0.38
CA ILE A 166 2.75 -4.29 -0.91
C ILE A 166 1.61 -5.31 -0.94
N SER A 167 0.43 -4.87 -1.41
CA SER A 167 -0.66 -5.77 -1.83
C SER A 167 -1.47 -5.03 -2.88
N LEU A 168 -2.65 -5.55 -3.23
CA LEU A 168 -3.48 -4.81 -4.18
C LEU A 168 -4.13 -3.60 -3.54
N ASP A 169 -4.18 -3.56 -2.20
CA ASP A 169 -4.97 -2.55 -1.50
C ASP A 169 -4.35 -1.17 -1.58
N ASN A 170 -3.02 -1.09 -1.74
CA ASN A 170 -2.34 0.20 -1.66
C ASN A 170 -1.57 0.53 -2.94
N ILE A 171 -2.03 -0.02 -4.06
CA ILE A 171 -1.59 0.39 -5.38
C ILE A 171 -2.77 1.09 -6.05
N GLN A 172 -2.60 2.36 -6.40
CA GLN A 172 -3.62 3.10 -7.15
C GLN A 172 -3.43 2.86 -8.64
N ILE A 173 -4.54 2.62 -9.35
CA ILE A 173 -4.53 2.58 -10.80
C ILE A 173 -5.26 3.83 -11.28
N GLN A 174 -4.51 4.77 -11.86
CA GLN A 174 -5.09 6.03 -12.30
C GLN A 174 -5.95 5.80 -13.54
N GLU A 175 -6.73 6.82 -13.91
CA GLU A 175 -7.53 6.70 -15.12
C GLU A 175 -6.64 6.53 -16.35
N SER A 176 -5.40 7.04 -16.29
CA SER A 176 -4.40 6.77 -17.31
C SER A 176 -3.85 5.35 -17.28
N GLN A 177 -4.22 4.56 -16.27
CA GLN A 177 -3.77 3.20 -15.96
C GLN A 177 -2.40 3.17 -15.28
N LEU A 178 -1.72 4.30 -15.12
CA LEU A 178 -0.41 4.29 -14.47
C LEU A 178 -0.59 4.07 -12.97
N PRO A 179 0.30 3.28 -12.35
CA PRO A 179 0.14 2.95 -10.93
C PRO A 179 0.82 3.96 -10.02
N VAL A 180 0.31 4.04 -8.80
CA VAL A 180 0.93 4.85 -7.75
C VAL A 180 0.95 4.05 -6.46
N LEU A 181 2.10 3.98 -5.79
CA LEU A 181 2.15 3.40 -4.45
C LEU A 181 1.71 4.45 -3.43
N LEU A 182 0.65 4.13 -2.67
CA LEU A 182 -0.05 5.11 -1.85
C LEU A 182 0.40 5.18 -0.40
N ASP A 183 0.95 4.09 0.14
CA ASP A 183 0.91 3.91 1.59
C ASP A 183 1.78 2.71 1.95
N PHE A 184 2.56 2.83 3.03
CA PHE A 184 3.40 1.75 3.52
C PHE A 184 2.84 1.10 4.77
N GLY A 185 1.67 1.53 5.23
CA GLY A 185 1.06 0.89 6.39
C GLY A 185 1.78 1.13 7.69
N SER A 186 2.60 2.19 7.80
CA SER A 186 3.51 2.29 8.93
C SER A 186 2.76 2.43 10.25
N ALA A 187 1.77 3.33 10.31
CA ALA A 187 1.03 3.55 11.56
C ALA A 187 0.26 2.30 11.96
N ARG A 188 -0.47 1.71 11.00
CA ARG A 188 -1.18 0.46 11.23
C ARG A 188 -0.26 -0.62 11.80
N LYS A 189 0.92 -0.78 11.19
CA LYS A 189 1.80 -1.88 11.59
C LYS A 189 2.42 -1.62 12.96
N GLU A 190 2.72 -0.36 13.27
CA GLU A 190 3.25 -0.03 14.58
C GLU A 190 2.19 -0.25 15.65
N ILE A 191 0.95 0.17 15.39
CA ILE A 191 -0.13 -0.06 16.35
C ILE A 191 -0.32 -1.56 16.56
N GLY A 192 -0.31 -2.33 15.48
CA GLY A 192 -0.50 -3.77 15.62
C GLY A 192 0.60 -4.43 16.41
N ASN A 193 1.84 -4.01 16.19
CA ASN A 193 2.94 -4.58 16.96
C ASN A 193 2.84 -4.22 18.43
N LEU A 194 2.48 -2.97 18.74
CA LEU A 194 2.41 -2.57 20.15
C LEU A 194 1.22 -3.20 20.85
N SER A 195 0.13 -3.45 20.12
CA SER A 195 -1.11 -3.92 20.70
C SER A 195 -1.25 -5.44 20.68
N ASP A 196 -0.26 -6.16 20.16
CA ASP A 196 -0.36 -7.60 19.92
C ASP A 196 -1.49 -7.95 18.96
N GLU A 197 -1.94 -6.99 18.16
CA GLU A 197 -2.92 -7.27 17.11
C GLU A 197 -2.13 -7.67 15.86
N THR A 198 -1.53 -8.86 15.96
CA THR A 198 -0.64 -9.36 14.92
C THR A 198 -1.31 -9.37 13.54
N GLU A 199 -2.64 -9.48 13.49
CA GLU A 199 -3.35 -9.63 12.23
C GLU A 199 -3.30 -8.37 11.37
N ILE A 200 -2.93 -7.22 11.94
CA ILE A 200 -2.85 -6.00 11.13
C ILE A 200 -1.41 -5.64 10.78
N VAL A 201 -0.45 -6.53 11.05
CA VAL A 201 0.94 -6.19 10.77
C VAL A 201 1.31 -6.69 9.37
N LEU A 202 1.41 -8.02 9.18
CA LEU A 202 1.71 -8.58 7.87
C LEU A 202 0.44 -8.97 7.11
N LYS A 203 0.56 -8.99 5.78
CA LYS A 203 -0.58 -9.31 4.94
C LYS A 203 -0.51 -10.77 4.52
N PRO A 204 -1.43 -11.63 4.98
CA PRO A 204 -1.32 -13.06 4.69
C PRO A 204 -1.33 -13.33 3.20
N GLY A 205 -0.36 -14.15 2.75
CA GLY A 205 -0.21 -14.49 1.35
C GLY A 205 0.69 -13.56 0.59
N PHE A 206 0.86 -12.32 1.05
CA PHE A 206 1.77 -11.35 0.44
C PHE A 206 3.12 -11.26 1.13
N ALA A 207 3.16 -11.43 2.46
CA ALA A 207 4.41 -11.34 3.21
C ALA A 207 5.22 -12.62 3.06
N PRO A 208 6.49 -12.53 2.68
CA PRO A 208 7.34 -13.73 2.59
C PRO A 208 7.81 -14.19 3.95
N ILE A 209 8.48 -15.34 3.95
CA ILE A 209 8.79 -16.01 5.22
C ILE A 209 9.69 -15.15 6.11
N GLU A 210 10.63 -14.39 5.52
CA GLU A 210 11.57 -13.63 6.34
C GLU A 210 10.93 -12.43 7.05
N GLN A 211 9.73 -12.02 6.66
CA GLN A 211 9.07 -10.97 7.41
C GLN A 211 8.44 -11.45 8.70
N TYR A 212 8.30 -12.76 8.87
CA TYR A 212 7.63 -13.29 10.05
C TYR A 212 8.55 -13.42 11.26
N THR A 213 9.86 -13.23 11.07
CA THR A 213 10.93 -12.95 12.07
C THR A 213 12.17 -13.78 11.79
N GLU A 219 17.84 -10.19 7.02
CA GLU A 219 17.41 -11.13 6.00
C GLU A 219 16.40 -10.50 5.03
N GLN A 220 15.89 -9.32 5.39
CA GLN A 220 14.99 -8.61 4.51
C GLN A 220 15.79 -7.75 3.53
N GLY A 221 15.25 -7.57 2.33
CA GLY A 221 15.87 -6.79 1.29
C GLY A 221 14.94 -6.65 0.11
N PRO A 222 15.46 -6.20 -1.03
CA PRO A 222 14.57 -6.01 -2.20
C PRO A 222 13.77 -7.26 -2.55
N TRP A 223 14.32 -8.45 -2.29
CA TRP A 223 13.60 -9.70 -2.52
C TRP A 223 12.33 -9.81 -1.68
N THR A 224 12.29 -9.11 -0.54
CA THR A 224 11.08 -9.12 0.29
C THR A 224 9.93 -8.43 -0.42
N ASP A 225 10.19 -7.30 -1.08
CA ASP A 225 9.16 -6.63 -1.86
C ASP A 225 8.86 -7.38 -3.14
N ILE A 226 9.87 -8.03 -3.72
CA ILE A 226 9.66 -8.77 -4.95
C ILE A 226 8.68 -9.93 -4.72
N TYR A 227 8.77 -10.60 -3.56
CA TYR A 227 7.82 -11.66 -3.26
C TYR A 227 6.39 -11.12 -3.20
N ALA A 228 6.19 -10.01 -2.49
CA ALA A 228 4.84 -9.44 -2.42
C ALA A 228 4.34 -9.02 -3.80
N LEU A 229 5.22 -8.48 -4.65
CA LEU A 229 4.80 -8.16 -6.01
C LEU A 229 4.40 -9.41 -6.77
N GLY A 230 5.17 -10.49 -6.61
CA GLY A 230 4.74 -11.76 -7.17
C GLY A 230 3.36 -12.18 -6.69
N ALA A 231 3.09 -11.98 -5.40
CA ALA A 231 1.77 -12.33 -4.86
C ALA A 231 0.66 -11.47 -5.44
N VAL A 232 0.93 -10.18 -5.66
CA VAL A 232 -0.02 -9.31 -6.36
C VAL A 232 -0.32 -9.86 -7.75
N LEU A 233 0.75 -10.17 -8.49
CA LEU A 233 0.56 -10.66 -9.86
C LEU A 233 -0.19 -11.99 -9.86
N HIS A 234 0.16 -12.90 -8.95
CA HIS A 234 -0.58 -14.14 -8.77
C HIS A 234 -2.07 -13.88 -8.56
N THR A 235 -2.39 -12.90 -7.69
CA THR A 235 -3.79 -12.57 -7.45
C THR A 235 -4.49 -12.07 -8.72
N LEU A 236 -3.81 -11.24 -9.53
CA LEU A 236 -4.42 -10.73 -10.75
C LEU A 236 -4.67 -11.85 -11.75
N ILE A 237 -3.80 -12.86 -11.75
CA ILE A 237 -3.87 -13.87 -12.80
C ILE A 237 -4.89 -14.95 -12.47
N VAL A 238 -4.93 -15.43 -11.22
CA VAL A 238 -5.84 -16.52 -10.85
C VAL A 238 -6.86 -16.11 -9.80
N GLY A 239 -6.82 -14.87 -9.31
CA GLY A 239 -7.90 -14.36 -8.50
C GLY A 239 -7.68 -14.35 -6.99
N SER A 240 -6.65 -15.01 -6.49
CA SER A 240 -6.39 -15.05 -5.05
C SER A 240 -4.90 -15.17 -4.83
N PRO A 241 -4.39 -14.76 -3.68
CA PRO A 241 -2.95 -14.83 -3.43
C PRO A 241 -2.48 -16.25 -3.17
N PRO A 242 -1.17 -16.48 -3.16
CA PRO A 242 -0.66 -17.83 -2.87
C PRO A 242 -0.85 -18.16 -1.40
N PRO A 243 -0.57 -19.40 -0.99
CA PRO A 243 -0.70 -19.73 0.43
C PRO A 243 0.23 -18.91 1.32
N VAL A 244 -0.23 -18.70 2.57
CA VAL A 244 0.59 -18.03 3.58
C VAL A 244 2.00 -18.61 3.59
N SER A 245 3.02 -17.74 3.59
CA SER A 245 4.39 -18.22 3.44
C SER A 245 4.84 -19.11 4.59
N VAL A 246 4.35 -18.87 5.81
CA VAL A 246 4.72 -19.74 6.92
C VAL A 246 4.18 -21.14 6.70
N VAL A 247 2.95 -21.24 6.19
CA VAL A 247 2.40 -22.56 5.88
C VAL A 247 3.24 -23.22 4.79
N ARG A 248 3.70 -22.42 3.82
CA ARG A 248 4.53 -22.97 2.74
C ARG A 248 5.86 -23.50 3.27
N SER A 249 6.41 -22.84 4.30
CA SER A 249 7.69 -23.23 4.87
C SER A 249 7.62 -24.56 5.61
N ILE A 250 6.42 -25.03 5.94
CA ILE A 250 6.23 -26.34 6.56
C ILE A 250 6.02 -27.42 5.52
N GLU A 251 5.09 -27.16 4.61
CA GLU A 251 4.75 -28.08 3.52
C GLU A 251 4.22 -27.20 2.39
N ASP A 252 4.99 -27.05 1.32
CA ASP A 252 4.68 -26.06 0.30
C ASP A 252 3.65 -26.60 -0.68
N SER A 253 2.41 -26.11 -0.57
CA SER A 253 1.34 -26.50 -1.48
C SER A 253 1.20 -25.55 -2.67
N TYR A 254 2.14 -24.62 -2.86
CA TYR A 254 2.05 -23.72 -4.00
C TYR A 254 2.14 -24.49 -5.30
N GLN A 255 1.16 -24.33 -6.18
CA GLN A 255 1.25 -24.93 -7.49
C GLN A 255 1.78 -23.91 -8.48
N PRO A 256 2.95 -24.15 -9.09
CA PRO A 256 3.48 -23.17 -10.05
C PRO A 256 2.47 -22.81 -11.12
N LEU A 257 2.40 -21.52 -11.42
CA LEU A 257 1.50 -21.07 -12.48
C LEU A 257 1.86 -21.69 -13.82
N THR A 258 3.14 -22.03 -14.03
CA THR A 258 3.50 -22.67 -15.29
C THR A 258 2.85 -24.04 -15.42
N GLU A 259 2.52 -24.68 -14.30
CA GLU A 259 1.80 -25.95 -14.36
C GLU A 259 0.29 -25.76 -14.39
N ARG A 260 -0.24 -24.75 -13.69
CA ARG A 260 -1.67 -24.46 -13.75
C ARG A 260 -2.10 -24.04 -15.14
N ARG A 261 -1.28 -23.23 -15.81
CA ARG A 261 -1.59 -22.69 -17.13
C ARG A 261 -2.97 -22.03 -17.19
N PRO A 262 -3.19 -20.95 -16.46
CA PRO A 262 -4.40 -20.16 -16.66
C PRO A 262 -4.49 -19.69 -18.10
N ALA A 263 -5.71 -19.70 -18.65
CA ALA A 263 -5.92 -19.36 -20.05
C ALA A 263 -5.49 -17.92 -20.33
N GLY A 264 -4.81 -17.74 -21.45
CA GLY A 264 -4.41 -16.42 -21.90
C GLY A 264 -3.11 -15.91 -21.32
N TYR A 265 -2.31 -16.75 -20.66
CA TYR A 265 -1.08 -16.29 -20.02
C TYR A 265 0.14 -17.07 -20.52
N SER A 266 1.20 -16.33 -20.88
CA SER A 266 2.42 -16.91 -21.44
C SER A 266 3.25 -17.59 -20.35
N PRO A 267 3.97 -18.66 -20.70
CA PRO A 267 4.91 -19.24 -19.73
C PRO A 267 5.92 -18.23 -19.22
N GLU A 268 6.24 -17.23 -20.02
CA GLU A 268 7.23 -16.24 -19.62
C GLU A 268 6.74 -15.38 -18.46
N LEU A 269 5.50 -14.87 -18.55
CA LEU A 269 4.95 -14.13 -17.42
C LEU A 269 4.69 -15.04 -16.23
N LEU A 270 4.18 -16.25 -16.49
CA LEU A 270 3.87 -17.15 -15.38
C LEU A 270 5.14 -17.55 -14.63
N ARG A 271 6.24 -17.81 -15.35
CA ARG A 271 7.47 -18.20 -14.67
C ARG A 271 8.08 -17.03 -13.91
N THR A 272 7.88 -15.80 -14.38
CA THR A 272 8.37 -14.64 -13.63
C THR A 272 7.67 -14.54 -12.28
N VAL A 273 6.36 -14.80 -12.27
CA VAL A 273 5.60 -14.77 -11.02
C VAL A 273 6.08 -15.89 -10.10
N ASP A 274 6.20 -17.11 -10.65
CA ASP A 274 6.69 -18.24 -9.85
C ASP A 274 8.05 -17.95 -9.22
N ARG A 275 8.97 -17.34 -9.98
CA ARG A 275 10.30 -17.05 -9.45
C ARG A 275 10.24 -16.01 -8.34
N ALA A 276 9.43 -14.97 -8.53
CA ALA A 276 9.26 -13.98 -7.47
C ALA A 276 8.69 -14.61 -6.21
N LEU A 277 7.91 -15.69 -6.35
CA LEU A 277 7.29 -16.37 -5.23
C LEU A 277 8.13 -17.53 -4.69
N ALA A 278 9.40 -17.60 -5.07
CA ALA A 278 10.26 -18.63 -4.48
C ALA A 278 10.24 -18.49 -2.96
N LEU A 279 10.11 -19.62 -2.27
CA LEU A 279 9.94 -19.57 -0.82
C LEU A 279 11.10 -18.87 -0.14
N LYS A 280 12.31 -19.20 -0.49
CA LYS A 280 13.41 -18.63 0.25
C LYS A 280 14.02 -17.43 -0.48
N PRO A 281 14.44 -16.40 0.27
CA PRO A 281 14.93 -15.15 -0.37
C PRO A 281 15.97 -15.36 -1.46
N GLU A 282 16.93 -16.26 -1.25
CA GLU A 282 18.01 -16.39 -2.21
C GLU A 282 17.58 -17.01 -3.53
N ASP A 283 16.40 -17.64 -3.59
CA ASP A 283 15.93 -18.24 -4.83
C ASP A 283 15.10 -17.29 -5.68
N ARG A 284 14.83 -16.11 -5.18
CA ARG A 284 14.06 -15.10 -5.87
C ARG A 284 14.96 -14.21 -6.71
N PRO A 285 14.41 -13.48 -7.68
CA PRO A 285 15.14 -12.33 -8.23
C PRO A 285 15.60 -11.43 -7.10
N GLN A 286 16.85 -10.98 -7.16
CA GLN A 286 17.43 -10.25 -6.04
C GLN A 286 17.22 -8.75 -6.12
N THR A 287 16.86 -8.23 -7.29
CA THR A 287 16.60 -6.82 -7.50
C THR A 287 15.41 -6.70 -8.44
N ILE A 288 14.81 -5.51 -8.47
CA ILE A 288 13.71 -5.28 -9.39
C ILE A 288 14.19 -5.46 -10.82
N ASP A 289 15.39 -4.96 -11.13
CA ASP A 289 15.95 -5.15 -12.48
C ASP A 289 16.05 -6.62 -12.86
N GLU A 290 16.46 -7.47 -11.91
CA GLU A 290 16.53 -8.91 -12.19
C GLU A 290 15.17 -9.48 -12.52
N MET A 291 14.13 -9.05 -11.79
CA MET A 291 12.78 -9.54 -12.07
C MET A 291 12.30 -9.06 -13.44
N ALA A 292 12.58 -7.81 -13.79
CA ALA A 292 12.14 -7.29 -15.08
C ALA A 292 12.81 -8.04 -16.23
N GLU A 293 14.05 -8.49 -16.03
CA GLU A 293 14.74 -9.21 -17.09
C GLU A 293 14.06 -10.53 -17.42
N LEU A 294 13.43 -11.15 -16.44
CA LEU A 294 12.76 -12.39 -16.68
C LEU A 294 11.65 -12.28 -17.67
N LEU A 295 11.06 -11.11 -17.79
CA LEU A 295 9.99 -10.92 -18.73
C LEU A 295 10.45 -10.80 -20.15
N GLU A 296 11.73 -10.66 -20.36
CA GLU A 296 12.25 -10.49 -21.71
C GLU A 296 12.71 -11.81 -22.30
#